data_4H5B
#
_entry.id   4H5B
#
_cell.length_a   91.714
_cell.length_b   91.714
_cell.length_c   87.746
_cell.angle_alpha   90.00
_cell.angle_beta   90.00
_cell.angle_gamma   120.00
#
_symmetry.space_group_name_H-M   'P 65'
#
loop_
_entity.id
_entity.type
_entity.pdbx_description
1 polymer 'DR_1245 protein'
2 non-polymer 'BROMIDE ION'
3 non-polymer GLYCEROL
4 non-polymer 'POTASSIUM ION'
5 non-polymer 'SULFATE ION'
6 water water
#
_entity_poly.entity_id   1
_entity_poly.type   'polypeptide(L)'
_entity_poly.pdbx_seq_one_letter_code
;METALLTLDTLAKYLQEKEVQLDIEENGGQRFIRMGWRFEMGDAAVLVSVNDGPNNTSRLEITCVTQKTYADRRAEVAMM
LNDRNRERAFARSIDQEGNVWLEYVGFYPTLAEMPQETFDTLFGGVLMHFQDDYAALEGYVPQEGMQIQQPQA
;
_entity_poly.pdbx_strand_id   A,B
#
# COMPACT_ATOMS: atom_id res chain seq x y z
N GLU A 2 14.45 -20.56 -3.63
CA GLU A 2 14.96 -21.69 -2.80
C GLU A 2 15.71 -21.15 -1.58
N THR A 3 16.74 -20.34 -1.76
CA THR A 3 17.49 -19.86 -0.59
C THR A 3 17.55 -18.33 -0.41
N ALA A 4 16.90 -17.57 -1.29
CA ALA A 4 16.94 -16.12 -1.23
C ALA A 4 15.81 -15.59 -0.37
N LEU A 5 16.18 -14.95 0.74
CA LEU A 5 15.18 -14.47 1.71
C LEU A 5 15.07 -12.96 1.66
N LEU A 6 14.00 -12.46 2.26
CA LEU A 6 13.74 -11.02 2.28
C LEU A 6 14.72 -10.30 3.21
N THR A 7 15.77 -9.75 2.61
CA THR A 7 16.75 -8.95 3.35
C THR A 7 17.20 -7.87 2.37
N LEU A 8 17.74 -6.77 2.91
CA LEU A 8 18.21 -5.68 2.04
C LEU A 8 19.34 -6.16 1.08
N ASP A 9 20.19 -7.04 1.57
CA ASP A 9 21.26 -7.59 0.72
C ASP A 9 20.74 -8.45 -0.42
N THR A 10 19.67 -9.21 -0.18
CA THR A 10 19.10 -9.99 -1.27
C THR A 10 18.54 -9.03 -2.36
N LEU A 11 17.86 -7.98 -1.93
CA LEU A 11 17.28 -7.04 -2.92
C LEU A 11 18.34 -6.26 -3.67
N ALA A 12 19.43 -5.88 -3.00
CA ALA A 12 20.58 -5.22 -3.65
C ALA A 12 21.20 -6.09 -4.73
N LYS A 13 21.31 -7.38 -4.43
CA LYS A 13 21.81 -8.36 -5.39
C LYS A 13 20.91 -8.41 -6.63
N TYR A 14 19.60 -8.54 -6.41
CA TYR A 14 18.65 -8.55 -7.53
C TYR A 14 18.77 -7.29 -8.43
N LEU A 15 18.93 -6.15 -7.80
CA LEU A 15 19.11 -4.88 -8.52
C LEU A 15 20.45 -4.82 -9.26
N GLN A 16 21.51 -5.27 -8.62
CA GLN A 16 22.83 -5.40 -9.23
C GLN A 16 22.81 -6.30 -10.47
N GLU A 17 22.09 -7.41 -10.35
CA GLU A 17 21.96 -8.37 -11.45
C GLU A 17 21.29 -7.76 -12.68
N LYS A 18 20.54 -6.69 -12.49
CA LYS A 18 19.92 -5.97 -13.60
C LYS A 18 20.73 -4.72 -13.97
N GLU A 19 21.97 -4.68 -13.47
CA GLU A 19 22.92 -3.57 -13.65
C GLU A 19 22.37 -2.20 -13.24
N VAL A 20 21.48 -2.22 -12.24
CA VAL A 20 20.97 -0.98 -11.64
C VAL A 20 22.06 -0.43 -10.75
N GLN A 21 22.40 0.85 -10.89
CA GLN A 21 23.41 1.48 -10.03
C GLN A 21 22.74 1.90 -8.72
N LEU A 22 23.40 1.62 -7.60
CA LEU A 22 22.78 1.89 -6.32
C LEU A 22 23.82 2.11 -5.24
N ASP A 23 23.42 2.77 -4.16
CA ASP A 23 24.26 2.74 -2.96
C ASP A 23 23.45 2.35 -1.73
N ILE A 24 24.14 1.75 -0.78
CA ILE A 24 23.51 1.36 0.46
C ILE A 24 23.87 2.40 1.51
N GLU A 25 22.86 3.03 2.10
CA GLU A 25 23.07 4.10 3.07
C GLU A 25 22.43 3.73 4.41
N GLU A 26 22.60 4.61 5.40
CA GLU A 26 22.11 4.35 6.75
C GLU A 26 21.73 5.66 7.44
N ASN A 27 20.48 5.72 7.92
CA ASN A 27 20.00 6.80 8.78
C ASN A 27 19.39 6.21 10.04
N GLY A 28 19.72 6.76 11.20
CA GLY A 28 19.33 6.15 12.45
C GLY A 28 19.95 4.77 12.49
N GLY A 29 19.15 3.76 12.79
CA GLY A 29 19.64 2.39 12.76
C GLY A 29 19.38 1.70 11.43
N GLN A 30 18.52 2.29 10.60
CA GLN A 30 17.98 1.64 9.40
C GLN A 30 18.80 1.87 8.12
N ARG A 31 19.34 0.79 7.56
CA ARG A 31 19.98 0.81 6.24
C ARG A 31 18.92 0.86 5.15
N PHE A 32 19.27 1.47 4.01
CA PHE A 32 18.37 1.47 2.84
C PHE A 32 19.16 1.54 1.55
N ILE A 33 18.52 1.16 0.45
CA ILE A 33 19.15 1.26 -0.85
C ILE A 33 18.65 2.59 -1.43
N ARG A 34 19.58 3.38 -1.95
CA ARG A 34 19.25 4.61 -2.67
C ARG A 34 19.66 4.52 -4.14
N MET A 35 18.74 4.91 -5.02
CA MET A 35 18.96 4.90 -6.46
C MET A 35 18.46 6.23 -7.04
N GLY A 36 19.13 6.71 -8.10
CA GLY A 36 18.61 7.78 -8.95
C GLY A 36 18.02 7.06 -10.16
N TRP A 37 17.06 7.69 -10.82
CA TRP A 37 16.46 7.11 -12.02
C TRP A 37 16.08 8.22 -12.95
N ARG A 38 16.47 8.12 -14.21
CA ARG A 38 16.11 9.15 -15.20
C ARG A 38 15.00 8.64 -16.10
N PHE A 39 13.80 9.14 -15.89
CA PHE A 39 12.68 8.75 -16.73
C PHE A 39 12.62 9.69 -17.92
N GLU A 40 11.89 9.33 -18.98
CA GLU A 40 11.78 10.22 -20.16
C GLU A 40 11.29 11.61 -19.77
N MET A 41 10.41 11.68 -18.77
CA MET A 41 9.83 12.98 -18.45
C MET A 41 10.48 13.69 -17.25
N GLY A 42 11.48 13.06 -16.64
CA GLY A 42 12.11 13.72 -15.50
C GLY A 42 12.89 12.74 -14.64
N ASP A 43 13.69 13.28 -13.74
CA ASP A 43 14.48 12.46 -12.82
C ASP A 43 13.70 12.11 -11.55
N ALA A 44 14.19 11.12 -10.80
CA ALA A 44 13.48 10.66 -9.62
C ALA A 44 14.51 9.99 -8.68
N ALA A 45 14.13 9.84 -7.41
CA ALA A 45 14.93 9.05 -6.47
C ALA A 45 14.07 7.83 -6.21
N VAL A 46 14.71 6.67 -6.03
CA VAL A 46 14.01 5.44 -5.70
C VAL A 46 14.73 4.84 -4.47
N LEU A 47 13.97 4.57 -3.40
CA LEU A 47 14.52 4.00 -2.15
C LEU A 47 13.87 2.66 -1.83
N VAL A 48 14.64 1.77 -1.19
CA VAL A 48 14.15 0.46 -0.82
C VAL A 48 14.70 0.19 0.60
N SER A 49 13.83 -0.26 1.50
CA SER A 49 14.30 -0.76 2.77
C SER A 49 13.49 -1.97 3.22
N VAL A 50 14.06 -2.72 4.17
CA VAL A 50 13.41 -3.87 4.79
C VAL A 50 13.46 -3.60 6.28
N ASN A 51 12.29 -3.43 6.89
CA ASN A 51 12.23 -3.02 8.29
C ASN A 51 11.59 -4.11 9.15
N ASP A 52 12.29 -4.58 10.18
CA ASP A 52 11.66 -5.55 11.07
C ASP A 52 10.68 -4.94 12.04
N GLY A 53 9.71 -5.75 12.42
CA GLY A 53 8.71 -5.32 13.37
C GLY A 53 8.46 -6.41 14.39
N PRO A 54 7.51 -6.17 15.29
CA PRO A 54 7.09 -7.21 16.22
C PRO A 54 6.30 -8.32 15.52
N ASN A 55 6.08 -9.40 16.25
CA ASN A 55 5.24 -10.48 15.79
C ASN A 55 5.84 -11.14 14.55
N ASN A 56 7.17 -11.13 14.51
CA ASN A 56 7.98 -11.78 13.48
C ASN A 56 7.52 -11.37 12.10
N THR A 57 7.22 -10.10 11.95
CA THR A 57 6.75 -9.60 10.67
C THR A 57 7.69 -8.47 10.23
N SER A 58 7.98 -8.39 8.93
CA SER A 58 8.84 -7.34 8.37
C SER A 58 8.12 -6.58 7.27
N ARG A 59 8.51 -5.33 7.05
CA ARG A 59 7.91 -4.47 6.05
C ARG A 59 8.95 -4.19 4.95
N LEU A 60 8.58 -4.50 3.71
CA LEU A 60 9.37 -4.15 2.56
C LEU A 60 8.76 -2.83 2.06
N GLU A 61 9.57 -1.78 2.02
CA GLU A 61 9.09 -0.45 1.61
C GLU A 61 9.88 0.00 0.37
N ILE A 62 9.17 0.42 -0.67
CA ILE A 62 9.78 0.96 -1.92
C ILE A 62 9.16 2.34 -2.12
N THR A 63 9.99 3.35 -2.38
CA THR A 63 9.51 4.73 -2.48
C THR A 63 10.14 5.39 -3.70
N CYS A 64 9.30 6.08 -4.48
CA CYS A 64 9.75 6.87 -5.62
C CYS A 64 9.38 8.33 -5.36
N VAL A 65 10.24 9.27 -5.75
CA VAL A 65 9.89 10.68 -5.61
C VAL A 65 10.40 11.47 -6.81
N THR A 66 9.53 12.31 -7.36
CA THR A 66 9.90 13.16 -8.50
C THR A 66 10.97 14.15 -8.07
N GLN A 67 11.97 14.40 -8.93
CA GLN A 67 12.84 15.58 -8.77
C GLN A 67 12.04 16.85 -9.04
N LYS A 68 11.09 16.76 -9.97
CA LYS A 68 10.30 17.95 -10.33
C LYS A 68 9.26 18.21 -9.25
N THR A 69 8.87 19.48 -9.11
CA THR A 69 7.88 19.86 -8.10
C THR A 69 6.66 20.54 -8.73
N TYR A 70 5.53 20.46 -8.03
CA TYR A 70 4.26 20.93 -8.54
C TYR A 70 3.47 21.71 -7.47
N ALA A 71 4.18 22.53 -6.68
CA ALA A 71 3.55 23.25 -5.57
C ALA A 71 2.44 24.19 -6.04
N ASP A 72 2.55 24.66 -7.26
CA ASP A 72 1.57 25.62 -7.80
C ASP A 72 0.27 24.97 -8.28
N ARG A 73 0.27 23.64 -8.34
CA ARG A 73 -0.88 22.84 -8.79
C ARG A 73 -1.27 21.85 -7.67
N ARG A 74 -1.01 22.22 -6.41
CA ARG A 74 -1.05 21.23 -5.33
C ARG A 74 -2.42 20.52 -5.17
N ALA A 75 -3.50 21.31 -5.16
CA ALA A 75 -4.87 20.78 -5.02
C ALA A 75 -5.24 19.88 -6.20
N GLU A 76 -4.97 20.36 -7.42
CA GLU A 76 -5.18 19.60 -8.65
C GLU A 76 -4.43 18.26 -8.63
N VAL A 77 -3.14 18.30 -8.30
CA VAL A 77 -2.38 17.07 -8.21
C VAL A 77 -2.95 16.12 -7.14
N ALA A 78 -3.28 16.65 -5.97
CA ALA A 78 -3.78 15.84 -4.86
C ALA A 78 -5.00 15.03 -5.35
N MET A 79 -5.92 15.70 -6.03
CA MET A 79 -7.12 14.99 -6.54
C MET A 79 -6.82 13.94 -7.61
N MET A 80 -5.94 14.27 -8.54
CA MET A 80 -5.49 13.25 -9.50
C MET A 80 -4.90 12.01 -8.79
N LEU A 81 -3.97 12.24 -7.86
CA LEU A 81 -3.35 11.13 -7.11
C LEU A 81 -4.37 10.36 -6.26
N ASN A 82 -5.30 11.10 -5.67
CA ASN A 82 -6.42 10.49 -4.91
C ASN A 82 -7.15 9.40 -5.70
N ASP A 83 -7.53 9.72 -6.94
CA ASP A 83 -8.29 8.74 -7.75
C ASP A 83 -7.45 7.50 -8.08
N ARG A 84 -6.18 7.71 -8.41
CA ARG A 84 -5.26 6.61 -8.64
C ARG A 84 -5.00 5.73 -7.40
N ASN A 85 -5.02 6.37 -6.23
CA ASN A 85 -4.86 5.65 -4.96
C ASN A 85 -5.97 4.68 -4.63
N ARG A 86 -7.14 4.90 -5.21
CA ARG A 86 -8.27 4.00 -5.07
C ARG A 86 -8.28 2.91 -6.17
N GLU A 87 -7.95 3.30 -7.41
CA GLU A 87 -8.11 2.43 -8.58
C GLU A 87 -6.92 1.51 -8.81
N ARG A 88 -5.77 1.86 -8.24
CA ARG A 88 -4.52 1.19 -8.50
C ARG A 88 -3.83 0.77 -7.20
N ALA A 89 -2.82 -0.08 -7.32
CA ALA A 89 -1.91 -0.38 -6.25
C ALA A 89 -1.12 0.88 -5.84
N PHE A 90 -0.54 0.84 -4.64
CA PHE A 90 0.44 1.83 -4.17
C PHE A 90 -0.21 3.11 -3.66
N ALA A 91 0.60 3.93 -2.98
CA ALA A 91 0.13 5.11 -2.26
C ALA A 91 0.90 6.36 -2.73
N ARG A 92 0.16 7.27 -3.36
CA ARG A 92 0.76 8.50 -3.93
C ARG A 92 0.42 9.71 -3.07
N SER A 93 1.30 10.70 -3.05
CA SER A 93 1.04 11.92 -2.34
C SER A 93 1.91 13.04 -2.89
N ILE A 94 1.51 14.26 -2.59
CA ILE A 94 2.34 15.40 -2.94
C ILE A 94 2.67 16.13 -1.66
N ASP A 95 3.96 16.41 -1.44
CA ASP A 95 4.36 17.03 -0.19
C ASP A 95 4.29 18.56 -0.27
N GLN A 96 4.63 19.24 0.83
CA GLN A 96 4.51 20.69 0.87
C GLN A 96 5.39 21.40 -0.16
N GLU A 97 6.56 20.83 -0.41
CA GLU A 97 7.48 21.38 -1.41
C GLU A 97 6.98 21.14 -2.84
N GLY A 98 6.06 20.19 -3.02
CA GLY A 98 5.50 19.92 -4.34
C GLY A 98 6.06 18.69 -5.02
N ASN A 99 6.95 17.95 -4.34
CA ASN A 99 7.49 16.73 -4.88
C ASN A 99 6.40 15.65 -4.75
N VAL A 100 6.31 14.79 -5.75
CA VAL A 100 5.29 13.74 -5.79
C VAL A 100 5.92 12.40 -5.47
N TRP A 101 5.27 11.66 -4.55
CA TRP A 101 5.79 10.40 -4.00
C TRP A 101 4.90 9.27 -4.38
N LEU A 102 5.49 8.11 -4.67
CA LEU A 102 4.68 6.89 -4.74
C LEU A 102 5.35 5.86 -3.84
N GLU A 103 4.56 5.26 -2.96
CA GLU A 103 5.07 4.31 -1.98
C GLU A 103 4.44 2.95 -2.06
N TYR A 104 5.23 1.92 -1.74
CA TYR A 104 4.73 0.55 -1.58
C TYR A 104 5.13 0.09 -0.17
N VAL A 105 4.19 -0.53 0.56
CA VAL A 105 4.56 -1.24 1.81
C VAL A 105 3.95 -2.63 1.74
N GLY A 106 4.77 -3.65 1.89
CA GLY A 106 4.28 -5.01 1.99
C GLY A 106 4.70 -5.58 3.33
N PHE A 107 3.85 -6.41 3.91
CA PHE A 107 4.10 -7.06 5.19
C PHE A 107 4.34 -8.53 4.92
N TYR A 108 5.45 -9.05 5.45
CA TYR A 108 5.90 -10.41 5.20
C TYR A 108 6.35 -11.01 6.52
N PRO A 109 6.28 -12.36 6.64
CA PRO A 109 6.96 -12.96 7.78
C PRO A 109 8.47 -12.61 7.66
N THR A 110 9.10 -12.35 8.79
CA THR A 110 10.52 -12.01 8.79
C THR A 110 11.33 -13.12 8.11
N LEU A 111 12.20 -12.68 7.19
CA LEU A 111 13.05 -13.57 6.39
C LEU A 111 12.23 -14.52 5.53
N ALA A 112 11.04 -14.06 5.10
CA ALA A 112 10.27 -14.79 4.08
C ALA A 112 11.11 -15.03 2.82
N GLU A 113 10.84 -16.13 2.13
CA GLU A 113 11.36 -16.31 0.79
C GLU A 113 10.95 -15.13 -0.08
N MET A 114 11.90 -14.58 -0.83
CA MET A 114 11.63 -13.52 -1.77
C MET A 114 12.36 -13.84 -3.10
N PRO A 115 11.70 -14.62 -3.98
CA PRO A 115 12.28 -15.02 -5.27
C PRO A 115 12.54 -13.80 -6.17
N GLN A 116 13.58 -13.90 -6.96
CA GLN A 116 13.98 -12.86 -7.90
C GLN A 116 12.81 -12.46 -8.81
N GLU A 117 12.07 -13.46 -9.29
CA GLU A 117 10.96 -13.18 -10.19
C GLU A 117 9.91 -12.28 -9.52
N THR A 118 9.62 -12.56 -8.25
CA THR A 118 8.61 -11.81 -7.51
C THR A 118 9.07 -10.38 -7.25
N PHE A 119 10.31 -10.23 -6.76
CA PHE A 119 10.82 -8.90 -6.54
C PHE A 119 10.88 -8.09 -7.84
N ASP A 120 11.37 -8.70 -8.93
CA ASP A 120 11.48 -7.97 -10.19
C ASP A 120 10.10 -7.49 -10.66
N THR A 121 9.07 -8.34 -10.48
CA THR A 121 7.70 -7.99 -10.83
C THR A 121 7.19 -6.85 -9.98
N LEU A 122 7.43 -6.94 -8.68
CA LEU A 122 7.01 -5.90 -7.75
C LEU A 122 7.69 -4.57 -8.08
N PHE A 123 9.03 -4.63 -8.17
CA PHE A 123 9.84 -3.43 -8.39
C PHE A 123 9.49 -2.77 -9.73
N GLY A 124 9.39 -3.60 -10.78
CA GLY A 124 9.03 -3.15 -12.14
C GLY A 124 7.64 -2.49 -12.11
N GLY A 125 6.72 -3.15 -11.39
CA GLY A 125 5.35 -2.66 -11.16
C GLY A 125 5.32 -1.27 -10.52
N VAL A 126 6.08 -1.10 -9.45
CA VAL A 126 6.20 0.20 -8.78
C VAL A 126 6.71 1.27 -9.76
N LEU A 127 7.80 0.98 -10.45
CA LEU A 127 8.37 1.96 -11.38
C LEU A 127 7.38 2.27 -12.51
N MET A 128 6.66 1.28 -12.99
CA MET A 128 5.75 1.54 -14.11
C MET A 128 4.59 2.44 -13.66
N HIS A 129 4.04 2.14 -12.48
CA HIS A 129 2.99 3.01 -11.92
C HIS A 129 3.48 4.42 -11.67
N PHE A 130 4.68 4.55 -11.14
CA PHE A 130 5.26 5.86 -10.87
C PHE A 130 5.48 6.63 -12.17
N GLN A 131 6.03 5.96 -13.18
CA GLN A 131 6.27 6.54 -14.50
C GLN A 131 4.96 7.04 -15.11
N ASP A 132 3.90 6.25 -14.98
CA ASP A 132 2.60 6.66 -15.46
C ASP A 132 2.10 7.97 -14.79
N ASP A 133 2.23 8.07 -13.47
CA ASP A 133 1.84 9.29 -12.76
C ASP A 133 2.72 10.47 -13.19
N TYR A 134 4.03 10.22 -13.30
CA TYR A 134 5.00 11.25 -13.67
C TYR A 134 4.68 11.78 -15.08
N ALA A 135 4.37 10.85 -15.99
CA ALA A 135 3.95 11.22 -17.36
C ALA A 135 2.70 12.10 -17.35
N ALA A 136 1.72 11.75 -16.51
CA ALA A 136 0.48 12.55 -16.37
C ALA A 136 0.77 13.96 -15.85
N LEU A 137 1.61 14.08 -14.83
CA LEU A 137 2.01 15.41 -14.29
C LEU A 137 2.68 16.31 -15.34
N GLU A 138 3.48 15.67 -16.17
CA GLU A 138 4.27 16.36 -17.19
C GLU A 138 3.54 16.52 -18.53
N GLY A 139 2.35 15.90 -18.65
CA GLY A 139 1.59 15.89 -19.89
C GLY A 139 2.34 15.18 -20.99
N TYR A 140 3.05 14.13 -20.64
CA TYR A 140 3.88 13.43 -21.59
C TYR A 140 3.06 12.30 -22.24
N VAL A 141 2.91 12.38 -23.55
CA VAL A 141 2.04 11.45 -24.25
C VAL A 141 2.66 11.19 -25.64
N PRO A 142 3.78 10.44 -25.67
CA PRO A 142 4.53 10.32 -26.91
C PRO A 142 3.79 9.45 -27.94
N GLN A 143 3.98 9.78 -29.20
CA GLN A 143 3.32 9.14 -30.35
C GLN A 143 3.50 7.62 -30.35
N GLU A 144 4.71 7.16 -30.02
CA GLU A 144 5.08 5.74 -30.09
C GLU A 144 4.58 5.02 -28.87
N GLY A 145 4.03 5.77 -27.93
CA GLY A 145 3.55 5.22 -26.70
C GLY A 145 4.72 5.16 -25.76
N MET A 146 4.42 5.07 -24.49
CA MET A 146 5.42 5.06 -23.46
C MET A 146 6.08 3.70 -23.35
N GLN A 147 7.40 3.70 -23.34
CA GLN A 147 8.13 2.45 -23.25
C GLN A 147 7.97 1.83 -21.85
N ILE A 148 7.51 0.58 -21.87
CA ILE A 148 7.17 -0.19 -20.67
C ILE A 148 8.41 -0.35 -19.79
N GLN A 149 9.58 -0.49 -20.43
CA GLN A 149 10.85 -0.66 -19.78
C GLN A 149 11.83 0.50 -20.08
N GLN A 150 11.99 1.43 -19.12
CA GLN A 150 12.84 2.62 -19.28
C GLN A 150 14.15 2.52 -18.47
N PRO A 151 15.30 2.84 -19.11
CA PRO A 151 16.63 2.77 -18.48
C PRO A 151 16.84 3.76 -17.31
N GLN A 152 17.48 3.26 -16.26
CA GLN A 152 17.90 4.09 -15.13
C GLN A 152 18.76 5.24 -15.63
N ALA A 153 19.55 4.93 -16.66
CA ALA A 153 20.53 5.85 -17.28
C ALA A 153 20.74 7.20 -16.59
N ALA B 4 -0.19 -23.74 5.58
CA ALA B 4 -0.69 -22.36 5.84
C ALA B 4 -0.19 -21.43 4.72
N LEU B 5 -0.65 -21.67 3.50
CA LEU B 5 -0.20 -20.90 2.36
C LEU B 5 -1.18 -19.76 2.05
N LEU B 6 -0.73 -18.81 1.23
CA LEU B 6 -1.54 -17.65 0.87
C LEU B 6 -2.65 -18.06 -0.10
N THR B 7 -3.82 -18.37 0.44
CA THR B 7 -5.00 -18.64 -0.38
C THR B 7 -6.14 -17.94 0.31
N LEU B 8 -7.19 -17.59 -0.42
CA LEU B 8 -8.31 -16.93 0.25
C LEU B 8 -8.87 -17.81 1.39
N ASP B 9 -8.93 -19.12 1.17
CA ASP B 9 -9.53 -20.05 2.15
C ASP B 9 -8.73 -20.04 3.46
N THR B 10 -7.41 -19.95 3.33
CA THR B 10 -6.53 -19.83 4.49
C THR B 10 -6.82 -18.58 5.31
N LEU B 11 -6.96 -17.44 4.64
CA LEU B 11 -7.24 -16.19 5.31
C LEU B 11 -8.61 -16.21 6.00
N ALA B 12 -9.60 -16.85 5.37
CA ALA B 12 -10.92 -16.94 5.96
C ALA B 12 -10.86 -17.84 7.19
N LYS B 13 -10.04 -18.88 7.14
CA LYS B 13 -9.89 -19.76 8.30
C LYS B 13 -9.30 -18.95 9.46
N TYR B 14 -8.29 -18.13 9.17
CA TYR B 14 -7.66 -17.30 10.20
C TYR B 14 -8.64 -16.32 10.82
N LEU B 15 -9.48 -15.72 9.98
CA LEU B 15 -10.47 -14.80 10.51
C LEU B 15 -11.52 -15.54 11.31
N GLN B 16 -11.95 -16.68 10.80
CA GLN B 16 -12.97 -17.45 11.49
C GLN B 16 -12.48 -17.99 12.83
N GLU B 17 -11.18 -18.28 12.90
CA GLU B 17 -10.53 -18.70 14.15
C GLU B 17 -10.64 -17.60 15.21
N LYS B 18 -10.63 -16.36 14.76
CA LYS B 18 -10.79 -15.20 15.63
C LYS B 18 -12.28 -14.81 15.80
N GLU B 19 -13.17 -15.72 15.41
CA GLU B 19 -14.63 -15.51 15.51
C GLU B 19 -15.17 -14.34 14.65
N VAL B 20 -14.45 -13.99 13.60
CA VAL B 20 -14.95 -12.97 12.67
C VAL B 20 -16.08 -13.57 11.82
N GLN B 21 -17.15 -12.78 11.62
CA GLN B 21 -18.26 -13.13 10.76
C GLN B 21 -17.97 -12.63 9.36
N LEU B 22 -18.05 -13.53 8.39
CA LEU B 22 -17.64 -13.18 7.03
C LEU B 22 -18.38 -14.05 6.02
N ASP B 23 -18.44 -13.58 4.78
CA ASP B 23 -18.93 -14.39 3.68
C ASP B 23 -17.90 -14.35 2.57
N ILE B 24 -17.80 -15.46 1.87
CA ILE B 24 -16.99 -15.53 0.68
C ILE B 24 -17.93 -15.35 -0.51
N GLU B 25 -17.58 -14.43 -1.38
CA GLU B 25 -18.39 -14.08 -2.53
C GLU B 25 -17.59 -14.08 -3.82
N GLU B 26 -18.29 -14.17 -4.95
CA GLU B 26 -17.67 -14.08 -6.27
C GLU B 26 -18.25 -12.92 -7.08
N ASN B 27 -17.38 -12.04 -7.55
CA ASN B 27 -17.77 -10.96 -8.47
C ASN B 27 -16.70 -10.88 -9.56
N GLY B 28 -17.14 -10.66 -10.80
CA GLY B 28 -16.26 -10.86 -11.95
C GLY B 28 -15.84 -12.32 -11.92
N GLY B 29 -14.54 -12.56 -12.03
CA GLY B 29 -14.02 -13.91 -11.85
C GLY B 29 -13.43 -14.11 -10.47
N GLN B 30 -13.25 -13.00 -9.74
CA GLN B 30 -12.52 -12.99 -8.46
C GLN B 30 -13.40 -13.27 -7.23
N ARG B 31 -12.96 -14.23 -6.42
CA ARG B 31 -13.56 -14.50 -5.11
C ARG B 31 -12.99 -13.49 -4.13
N PHE B 32 -13.80 -13.15 -3.13
CA PHE B 32 -13.31 -12.30 -2.06
C PHE B 32 -14.09 -12.56 -0.79
N ILE B 33 -13.47 -12.16 0.31
CA ILE B 33 -14.06 -12.24 1.63
C ILE B 33 -14.69 -10.87 1.85
N ARG B 34 -15.93 -10.88 2.31
CA ARG B 34 -16.63 -9.65 2.64
C ARG B 34 -17.04 -9.65 4.10
N MET B 35 -16.82 -8.51 4.75
CA MET B 35 -17.08 -8.34 6.17
C MET B 35 -17.63 -6.94 6.40
N GLY B 36 -18.51 -6.82 7.38
CA GLY B 36 -18.86 -5.52 7.94
C GLY B 36 -18.05 -5.35 9.22
N TRP B 37 -17.71 -4.11 9.55
CA TRP B 37 -16.93 -3.82 10.77
C TRP B 37 -17.49 -2.63 11.46
N ARG B 38 -17.59 -2.69 12.78
CA ARG B 38 -18.19 -1.62 13.60
C ARG B 38 -17.07 -0.92 14.37
N PHE B 39 -16.87 0.37 14.14
CA PHE B 39 -15.93 1.15 14.92
C PHE B 39 -16.73 2.09 15.81
N GLU B 40 -16.07 2.69 16.81
CA GLU B 40 -16.80 3.56 17.73
C GLU B 40 -17.41 4.78 17.06
N MET B 41 -16.81 5.24 15.97
CA MET B 41 -17.27 6.48 15.28
C MET B 41 -18.05 6.23 13.97
N GLY B 42 -18.23 4.96 13.61
CA GLY B 42 -18.97 4.60 12.41
C GLY B 42 -18.67 3.19 11.93
N ASP B 43 -19.38 2.78 10.88
CA ASP B 43 -19.24 1.44 10.37
C ASP B 43 -18.42 1.43 9.10
N ALA B 44 -18.00 0.23 8.68
CA ALA B 44 -17.18 0.10 7.48
C ALA B 44 -17.40 -1.21 6.76
N ALA B 45 -17.09 -1.23 5.47
CA ALA B 45 -16.96 -2.47 4.75
C ALA B 45 -15.49 -2.84 4.71
N VAL B 46 -15.17 -4.13 4.90
CA VAL B 46 -13.80 -4.64 4.85
C VAL B 46 -13.78 -5.82 3.89
N LEU B 47 -12.91 -5.74 2.89
CA LEU B 47 -12.85 -6.73 1.82
C LEU B 47 -11.44 -7.31 1.77
N VAL B 48 -11.32 -8.61 1.55
CA VAL B 48 -10.00 -9.25 1.40
C VAL B 48 -10.03 -10.14 0.13
N SER B 49 -9.01 -10.04 -0.71
CA SER B 49 -8.90 -10.97 -1.84
C SER B 49 -7.45 -11.37 -2.05
N VAL B 50 -7.26 -12.50 -2.70
CA VAL B 50 -5.94 -12.97 -3.09
C VAL B 50 -6.04 -13.19 -4.60
N ASN B 51 -5.25 -12.43 -5.34
CA ASN B 51 -5.35 -12.46 -6.79
C ASN B 51 -4.06 -13.07 -7.36
N ASP B 52 -4.15 -14.27 -7.92
CA ASP B 52 -2.95 -14.98 -8.37
C ASP B 52 -2.59 -14.56 -9.79
N GLY B 53 -1.55 -13.73 -9.93
CA GLY B 53 -1.16 -13.12 -11.21
C GLY B 53 -0.02 -13.75 -12.00
N PRO B 54 0.53 -13.01 -12.97
CA PRO B 54 1.63 -13.55 -13.77
C PRO B 54 2.99 -13.50 -13.05
N ASN B 55 3.98 -14.19 -13.61
CA ASN B 55 5.32 -14.27 -13.05
C ASN B 55 5.29 -14.88 -11.66
N ASN B 56 4.37 -15.83 -11.48
CA ASN B 56 4.21 -16.55 -10.22
C ASN B 56 4.17 -15.59 -9.01
N THR B 57 3.47 -14.46 -9.17
CA THR B 57 3.32 -13.47 -8.12
C THR B 57 1.81 -13.26 -7.86
N SER B 58 1.43 -13.18 -6.59
CA SER B 58 0.04 -12.92 -6.19
C SER B 58 -0.11 -11.63 -5.41
N ARG B 59 -1.29 -11.01 -5.49
CA ARG B 59 -1.60 -9.79 -4.76
C ARG B 59 -2.54 -10.13 -3.61
N LEU B 60 -2.18 -9.73 -2.41
CA LEU B 60 -3.10 -9.80 -1.29
C LEU B 60 -3.68 -8.40 -1.09
N GLU B 61 -5.00 -8.26 -1.20
CA GLU B 61 -5.62 -6.95 -1.11
C GLU B 61 -6.51 -6.89 0.10
N ILE B 62 -6.37 -5.84 0.90
CA ILE B 62 -7.27 -5.63 2.05
C ILE B 62 -7.76 -4.20 1.91
N THR B 63 -9.09 -4.01 1.95
CA THR B 63 -9.67 -2.70 1.69
C THR B 63 -10.72 -2.39 2.77
N CYS B 64 -10.66 -1.19 3.34
CA CYS B 64 -11.67 -0.73 4.31
C CYS B 64 -12.32 0.51 3.70
N VAL B 65 -13.64 0.60 3.85
CA VAL B 65 -14.41 1.72 3.28
C VAL B 65 -15.40 2.23 4.31
N THR B 66 -15.35 3.53 4.60
CA THR B 66 -16.26 4.12 5.58
C THR B 66 -17.65 4.10 5.02
N GLN B 67 -18.64 3.91 5.87
CA GLN B 67 -20.04 4.03 5.45
C GLN B 67 -20.48 5.48 5.60
N LYS B 68 -19.85 6.20 6.53
CA LYS B 68 -20.03 7.66 6.60
C LYS B 68 -19.45 8.30 5.34
N THR B 69 -19.96 9.47 4.97
CA THR B 69 -19.55 10.10 3.71
C THR B 69 -19.14 11.55 3.99
N TYR B 70 -18.24 12.09 3.16
CA TYR B 70 -17.64 13.40 3.44
C TYR B 70 -17.62 14.25 2.18
N ALA B 71 -18.62 14.05 1.33
CA ALA B 71 -18.63 14.70 0.03
C ALA B 71 -18.65 16.23 0.18
N ASP B 72 -19.37 16.74 1.18
CA ASP B 72 -19.37 18.19 1.43
C ASP B 72 -17.99 18.77 1.78
N ARG B 73 -17.04 17.90 2.16
CA ARG B 73 -15.68 18.31 2.59
C ARG B 73 -14.61 17.68 1.67
N ARG B 74 -14.96 17.34 0.44
CA ARG B 74 -14.10 16.48 -0.38
C ARG B 74 -12.66 17.00 -0.49
N ALA B 75 -12.49 18.29 -0.81
CA ALA B 75 -11.14 18.81 -1.04
C ALA B 75 -10.30 18.76 0.25
N GLU B 76 -10.91 19.16 1.35
CA GLU B 76 -10.26 19.14 2.67
C GLU B 76 -9.85 17.71 3.06
N VAL B 77 -10.76 16.77 2.87
CA VAL B 77 -10.47 15.38 3.21
C VAL B 77 -9.34 14.84 2.33
N ALA B 78 -9.37 15.19 1.06
CA ALA B 78 -8.40 14.68 0.11
C ALA B 78 -7.01 15.12 0.54
N MET B 79 -6.87 16.38 0.97
CA MET B 79 -5.57 16.86 1.43
C MET B 79 -5.12 16.21 2.74
N MET B 80 -6.07 16.01 3.65
CA MET B 80 -5.80 15.31 4.90
C MET B 80 -5.28 13.87 4.64
N LEU B 81 -5.97 13.13 3.78
CA LEU B 81 -5.50 11.79 3.38
C LEU B 81 -4.16 11.80 2.66
N ASN B 82 -3.97 12.83 1.84
CA ASN B 82 -2.72 12.98 1.11
C ASN B 82 -1.54 13.00 2.09
N ASP B 83 -1.67 13.81 3.12
CA ASP B 83 -0.59 14.00 4.07
C ASP B 83 -0.33 12.70 4.81
N ARG B 84 -1.40 11.95 5.12
CA ARG B 84 -1.26 10.63 5.75
C ARG B 84 -0.65 9.57 4.83
N ASN B 85 -0.96 9.67 3.54
CA ASN B 85 -0.38 8.76 2.56
C ASN B 85 1.12 8.94 2.43
N ARG B 86 1.63 10.14 2.73
CA ARG B 86 3.10 10.36 2.67
C ARG B 86 3.74 9.73 3.92
N GLU B 87 3.12 9.92 5.08
CA GLU B 87 3.81 9.66 6.37
C GLU B 87 3.48 8.30 7.00
N ARG B 88 2.38 7.70 6.57
CA ARG B 88 1.91 6.44 7.14
C ARG B 88 1.76 5.31 6.11
N ALA B 89 1.72 4.06 6.58
CA ALA B 89 1.50 2.93 5.70
C ALA B 89 0.13 3.03 4.98
N PHE B 90 0.05 2.36 3.82
CA PHE B 90 -1.24 2.09 3.17
C PHE B 90 -1.72 3.28 2.33
N ALA B 91 -2.79 3.07 1.56
CA ALA B 91 -3.18 4.06 0.55
C ALA B 91 -4.62 4.49 0.82
N ARG B 92 -4.79 5.76 1.12
CA ARG B 92 -6.12 6.36 1.45
C ARG B 92 -6.66 7.18 0.27
N SER B 93 -7.98 7.21 0.10
CA SER B 93 -8.59 8.03 -0.92
C SER B 93 -10.03 8.28 -0.54
N ILE B 94 -10.61 9.27 -1.16
CA ILE B 94 -12.03 9.53 -1.02
C ILE B 94 -12.68 9.44 -2.40
N ASP B 95 -13.80 8.72 -2.50
CA ASP B 95 -14.42 8.49 -3.81
C ASP B 95 -15.45 9.57 -4.14
N GLN B 96 -16.09 9.52 -5.31
CA GLN B 96 -17.01 10.58 -5.71
C GLN B 96 -18.21 10.70 -4.77
N GLU B 97 -18.67 9.57 -4.23
CA GLU B 97 -19.80 9.61 -3.28
C GLU B 97 -19.36 10.19 -1.94
N GLY B 98 -18.04 10.24 -1.71
CA GLY B 98 -17.51 10.79 -0.45
C GLY B 98 -17.15 9.77 0.61
N ASN B 99 -17.25 8.47 0.29
CA ASN B 99 -16.78 7.45 1.18
C ASN B 99 -15.24 7.41 1.16
N VAL B 100 -14.65 7.10 2.32
CA VAL B 100 -13.20 7.07 2.44
C VAL B 100 -12.67 5.64 2.46
N TRP B 101 -11.64 5.41 1.64
CA TRP B 101 -11.09 4.09 1.42
C TRP B 101 -9.70 4.03 2.00
N LEU B 102 -9.32 2.88 2.57
CA LEU B 102 -7.90 2.61 2.88
C LEU B 102 -7.58 1.24 2.31
N GLU B 103 -6.50 1.18 1.51
CA GLU B 103 -6.13 -0.04 0.79
C GLU B 103 -4.72 -0.49 1.16
N TYR B 104 -4.60 -1.82 1.30
CA TYR B 104 -3.33 -2.52 1.37
C TYR B 104 -3.29 -3.38 0.11
N VAL B 105 -2.22 -3.28 -0.67
CA VAL B 105 -2.02 -4.20 -1.78
C VAL B 105 -0.61 -4.75 -1.68
N GLY B 106 -0.47 -6.01 -1.24
CA GLY B 106 0.86 -6.61 -1.10
C GLY B 106 1.16 -7.64 -2.19
N PHE B 107 2.42 -7.73 -2.59
CA PHE B 107 2.85 -8.69 -3.61
C PHE B 107 3.72 -9.80 -3.02
N TYR B 108 3.35 -11.04 -3.33
CA TYR B 108 3.95 -12.24 -2.71
C TYR B 108 4.21 -13.27 -3.79
N PRO B 109 5.19 -14.17 -3.58
CA PRO B 109 5.25 -15.29 -4.49
C PRO B 109 3.92 -16.06 -4.37
N THR B 110 3.47 -16.64 -5.48
CA THR B 110 2.22 -17.37 -5.46
C THR B 110 2.33 -18.52 -4.47
N LEU B 111 1.28 -18.69 -3.68
CA LEU B 111 1.23 -19.68 -2.60
C LEU B 111 2.37 -19.50 -1.59
N ALA B 112 2.73 -18.25 -1.33
CA ALA B 112 3.70 -17.91 -0.27
C ALA B 112 3.26 -18.45 1.10
N GLU B 113 4.21 -18.80 1.96
CA GLU B 113 3.91 -19.03 3.37
C GLU B 113 3.26 -17.76 3.93
N MET B 114 2.17 -17.93 4.65
CA MET B 114 1.49 -16.81 5.30
C MET B 114 1.03 -17.30 6.67
N PRO B 115 1.91 -17.23 7.69
CA PRO B 115 1.55 -17.69 9.03
C PRO B 115 0.46 -16.83 9.62
N GLN B 116 -0.33 -17.43 10.50
CA GLN B 116 -1.40 -16.72 11.15
C GLN B 116 -0.90 -15.47 11.89
N GLU B 117 0.27 -15.58 12.51
CA GLU B 117 0.80 -14.44 13.23
C GLU B 117 1.05 -13.20 12.33
N THR B 118 1.57 -13.44 11.12
CA THR B 118 1.81 -12.34 10.18
C THR B 118 0.49 -11.79 9.62
N PHE B 119 -0.43 -12.67 9.26
CA PHE B 119 -1.70 -12.16 8.73
C PHE B 119 -2.44 -11.32 9.75
N ASP B 120 -2.45 -11.78 11.00
CA ASP B 120 -3.17 -11.10 12.08
C ASP B 120 -2.52 -9.73 12.32
N THR B 121 -1.19 -9.67 12.26
CA THR B 121 -0.47 -8.39 12.42
C THR B 121 -0.79 -7.42 11.27
N LEU B 122 -0.77 -7.94 10.05
CA LEU B 122 -1.09 -7.16 8.89
C LEU B 122 -2.55 -6.67 8.98
N PHE B 123 -3.47 -7.61 9.14
CA PHE B 123 -4.89 -7.28 9.10
C PHE B 123 -5.25 -6.30 10.23
N GLY B 124 -4.72 -6.57 11.42
CA GLY B 124 -4.82 -5.69 12.61
C GLY B 124 -4.29 -4.28 12.35
N GLY B 125 -3.10 -4.20 11.73
CA GLY B 125 -2.49 -2.93 11.34
C GLY B 125 -3.33 -2.10 10.37
N VAL B 126 -3.87 -2.76 9.36
CA VAL B 126 -4.80 -2.10 8.45
C VAL B 126 -6.00 -1.50 9.20
N LEU B 127 -6.67 -2.32 10.01
CA LEU B 127 -7.83 -1.87 10.78
C LEU B 127 -7.46 -0.71 11.70
N MET B 128 -6.33 -0.81 12.39
CA MET B 128 -5.88 0.26 13.30
C MET B 128 -5.62 1.58 12.56
N HIS B 129 -4.95 1.51 11.40
CA HIS B 129 -4.69 2.71 10.61
C HIS B 129 -5.99 3.30 10.11
N PHE B 130 -6.88 2.45 9.65
CA PHE B 130 -8.18 2.92 9.14
C PHE B 130 -8.99 3.57 10.27
N GLN B 131 -8.98 2.93 11.44
CA GLN B 131 -9.67 3.49 12.61
C GLN B 131 -9.12 4.88 12.97
N ASP B 132 -7.80 5.04 12.88
CA ASP B 132 -7.17 6.31 13.16
C ASP B 132 -7.68 7.38 12.20
N ASP B 133 -7.74 7.06 10.91
CA ASP B 133 -8.24 8.00 9.91
C ASP B 133 -9.72 8.31 10.13
N TYR B 134 -10.50 7.28 10.45
CA TYR B 134 -11.95 7.45 10.67
C TYR B 134 -12.18 8.37 11.86
N ALA B 135 -11.38 8.17 12.93
CA ALA B 135 -11.44 9.00 14.14
C ALA B 135 -11.13 10.46 13.83
N ALA B 136 -10.09 10.68 13.00
CA ALA B 136 -9.73 12.04 12.58
C ALA B 136 -10.87 12.69 11.80
N LEU B 137 -11.47 11.93 10.88
CA LEU B 137 -12.56 12.45 10.05
C LEU B 137 -13.77 12.82 10.89
N GLU B 138 -14.07 11.98 11.88
CA GLU B 138 -15.25 12.18 12.72
C GLU B 138 -15.01 13.07 13.92
N GLY B 139 -13.73 13.34 14.24
CA GLY B 139 -13.37 14.06 15.49
C GLY B 139 -13.74 13.26 16.73
N TYR B 140 -13.59 11.93 16.67
CA TYR B 140 -14.15 11.03 17.68
C TYR B 140 -13.60 11.28 19.09
N VAL B 141 -14.49 11.31 20.05
CA VAL B 141 -14.14 11.35 21.45
C VAL B 141 -15.10 10.40 22.16
N PRO B 142 -14.60 9.52 23.08
CA PRO B 142 -15.60 8.63 23.69
C PRO B 142 -16.66 9.52 24.38
N GLN B 143 -17.92 9.28 24.04
CA GLN B 143 -19.04 10.16 24.40
C GLN B 143 -19.85 9.56 25.53
N GLU B 144 -19.78 8.25 25.65
CA GLU B 144 -20.59 7.50 26.59
C GLU B 144 -19.74 6.61 27.48
N GLY B 145 -20.05 6.62 28.78
CA GLY B 145 -19.26 5.91 29.76
C GLY B 145 -19.58 4.43 29.87
N MET B 146 -18.66 3.71 30.48
CA MET B 146 -18.84 2.32 30.89
C MET B 146 -20.06 2.20 31.82
N GLN B 147 -20.97 1.27 31.54
CA GLN B 147 -21.95 0.88 32.57
C GLN B 147 -21.22 -0.04 33.54
N ILE B 148 -21.38 0.23 34.84
CA ILE B 148 -20.55 -0.39 35.88
C ILE B 148 -21.24 -1.50 36.69
N GLN B 149 -22.53 -1.74 36.42
CA GLN B 149 -23.32 -2.81 37.07
C GLN B 149 -22.81 -4.21 36.70
N GLN B 150 -22.55 -5.01 37.75
CA GLN B 150 -21.88 -6.31 37.61
C GLN B 150 -22.80 -7.52 37.87
N PRO B 151 -22.41 -8.69 37.32
CA PRO B 151 -22.87 -10.02 37.74
C PRO B 151 -22.61 -10.30 39.25
N GLN B 152 -23.42 -11.10 39.94
CA GLN B 152 -24.60 -11.85 39.45
C GLN B 152 -24.64 -13.28 40.02
#